data_5EX2
#
_entry.id   5EX2
#
_cell.length_a   47.940
_cell.length_b   72.730
_cell.length_c   73.930
_cell.angle_alpha   90.00
_cell.angle_beta   93.00
_cell.angle_gamma   90.00
#
_symmetry.space_group_name_H-M   'P 1 21 1'
#
loop_
_entity.id
_entity.type
_entity.pdbx_description
1 polymer 'Peptidyl-prolyl cis-trans isomerase'
2 non-polymer 'MAGNESIUM ION'
3 non-polymer 'CALCIUM ION'
4 non-polymer 'CHLORIDE ION'
5 water water
#
_entity_poly.entity_id   1
_entity_poly.type   'polypeptide(L)'
_entity_poly.pdbx_seq_one_letter_code
;SMVEYTKESVQADPENWRSVDPDNLVIFETTKGVVYIELAPEIAPNHVAQIRKVVRTGLYSGTKFHRVISGFMAQGGDIA
ATLGREPDLEAVDGEFVFRRDPKSIVLTVINEEDQTKSQYTGFYNGFPIETRQDELANYSEDKRVESWMPHCAGVVSMAR
TNDPNSGKDQFFLMRDESRFLDRKYSSWGRMLEGLDVAKSLTIGEPPERPDILVSAVMVSDLAPKDRPEAWVMRNDGPMF
SLFLDRMGRDKDVCSLPQTPSVVFVSEDKEG
;
_entity_poly.pdbx_strand_id   A,B
#
# COMPACT_ATOMS: atom_id res chain seq x y z
N MET A 2 20.73 -3.35 31.17
CA MET A 2 22.07 -3.51 31.81
C MET A 2 22.72 -2.17 32.06
N VAL A 3 22.63 -1.31 31.05
CA VAL A 3 23.07 0.08 31.17
C VAL A 3 21.90 0.98 30.82
N GLU A 4 21.61 1.94 31.68
CA GLU A 4 20.59 2.94 31.42
C GLU A 4 21.25 4.17 30.78
N TYR A 5 20.64 4.66 29.71
CA TYR A 5 21.15 5.82 29.01
C TYR A 5 20.18 6.99 29.14
N THR A 6 20.70 8.13 29.53
CA THR A 6 19.89 9.32 29.66
C THR A 6 19.66 9.98 28.31
N LYS A 7 18.56 10.71 28.20
CA LYS A 7 18.23 11.41 26.98
C LYS A 7 19.34 12.42 26.66
N GLU A 8 19.86 13.09 27.68
CA GLU A 8 20.90 14.07 27.48
C GLU A 8 22.14 13.42 26.85
N SER A 9 22.54 12.27 27.38
CA SER A 9 23.76 11.61 26.90
C SER A 9 23.60 11.06 25.48
N VAL A 10 22.38 10.64 25.14
CA VAL A 10 22.09 10.13 23.82
C VAL A 10 22.02 11.27 22.79
N GLN A 11 21.35 12.37 23.13
CA GLN A 11 21.25 13.50 22.20
C GLN A 11 22.58 14.18 21.92
N ALA A 12 23.48 14.17 22.89
CA ALA A 12 24.76 14.82 22.74
C ALA A 12 25.73 14.01 21.91
N ASP A 13 25.35 12.79 21.53
CA ASP A 13 26.31 11.82 21.00
C ASP A 13 25.83 11.08 19.76
N PRO A 14 25.69 11.82 18.66
CA PRO A 14 25.21 11.21 17.41
C PRO A 14 26.18 10.18 16.83
N GLU A 15 27.43 10.19 17.28
CA GLU A 15 28.39 9.19 16.86
C GLU A 15 27.99 7.80 17.35
N ASN A 16 27.23 7.75 18.45
CA ASN A 16 26.87 6.48 19.05
C ASN A 16 25.38 6.19 19.01
N TRP A 17 24.58 7.18 18.66
CA TRP A 17 23.12 7.03 18.70
C TRP A 17 22.46 7.56 17.44
N ARG A 18 21.58 6.72 16.89
CA ARG A 18 20.82 7.01 15.69
C ARG A 18 19.39 7.34 16.09
N SER A 19 18.90 8.48 15.63
CA SER A 19 17.54 8.90 15.90
C SER A 19 16.59 8.14 14.98
N VAL A 20 15.56 7.53 15.56
CA VAL A 20 14.58 6.78 14.78
C VAL A 20 13.61 7.74 14.12
N ASP A 21 13.41 7.57 12.82
CA ASP A 21 12.44 8.32 12.05
C ASP A 21 11.03 8.08 12.61
N PRO A 22 10.28 9.14 12.95
CA PRO A 22 8.92 8.88 13.46
C PRO A 22 8.02 8.07 12.52
N ASP A 23 8.23 8.14 11.21
CA ASP A 23 7.43 7.35 10.30
C ASP A 23 7.88 5.89 10.27
N ASN A 24 8.98 5.56 10.95
CA ASN A 24 9.39 4.17 11.10
C ASN A 24 9.12 3.64 12.51
N LEU A 25 8.33 4.36 13.30
CA LEU A 25 8.14 4.02 14.70
C LEU A 25 6.66 3.84 15.00
N VAL A 26 6.32 2.66 15.48
CA VAL A 26 4.95 2.29 15.77
C VAL A 26 4.80 2.00 17.25
N ILE A 27 3.72 2.50 17.84
CA ILE A 27 3.40 2.20 19.22
C ILE A 27 2.29 1.16 19.26
N PHE A 28 2.62 -0.02 19.79
CA PHE A 28 1.62 -1.05 20.07
C PHE A 28 1.31 -1.03 21.55
N GLU A 29 0.14 -0.52 21.94
CA GLU A 29 -0.28 -0.60 23.32
C GLU A 29 -1.03 -1.89 23.55
N THR A 30 -0.55 -2.73 24.45
CA THR A 30 -1.18 -4.02 24.72
C THR A 30 -1.65 -4.05 26.16
N THR A 31 -2.46 -5.07 26.49
CA THR A 31 -2.92 -5.24 27.83
C THR A 31 -1.83 -5.73 28.78
N LYS A 32 -0.61 -5.92 28.28
N LYS A 32 -0.60 -5.91 28.28
CA LYS A 32 0.52 -6.20 29.16
CA LYS A 32 0.55 -6.21 29.12
C LYS A 32 1.55 -5.06 29.17
C LYS A 32 1.58 -5.08 29.12
N GLY A 33 1.24 -3.98 28.45
CA GLY A 33 2.14 -2.85 28.35
C GLY A 33 2.44 -2.47 26.92
N VAL A 34 3.37 -1.53 26.77
CA VAL A 34 3.64 -0.92 25.47
C VAL A 34 4.83 -1.59 24.78
N VAL A 35 4.71 -1.69 23.46
CA VAL A 35 5.74 -2.22 22.60
C VAL A 35 6.00 -1.14 21.54
N TYR A 36 7.25 -0.68 21.46
CA TYR A 36 7.67 0.25 20.44
C TYR A 36 8.40 -0.51 19.36
N ILE A 37 7.90 -0.45 18.13
CA ILE A 37 8.47 -1.21 17.02
C ILE A 37 9.09 -0.25 16.02
N GLU A 38 10.35 -0.49 15.65
CA GLU A 38 10.95 0.21 14.52
C GLU A 38 10.76 -0.62 13.26
N LEU A 39 10.19 0.01 12.25
CA LEU A 39 10.03 -0.58 10.94
C LEU A 39 11.36 -0.59 10.18
N ALA A 40 11.55 -1.58 9.33
CA ALA A 40 12.79 -1.74 8.58
C ALA A 40 12.54 -1.71 7.07
N PRO A 41 12.41 -0.51 6.50
CA PRO A 41 12.00 -0.42 5.09
C PRO A 41 13.01 -1.02 4.11
N GLU A 42 14.28 -1.03 4.48
CA GLU A 42 15.30 -1.54 3.58
C GLU A 42 15.26 -3.08 3.56
N ILE A 43 14.61 -3.69 4.55
CA ILE A 43 14.57 -5.14 4.68
C ILE A 43 13.29 -5.71 4.05
N ALA A 44 12.17 -5.04 4.28
CA ALA A 44 10.88 -5.50 3.77
C ALA A 44 10.00 -4.30 3.40
N PRO A 45 10.33 -3.63 2.29
CA PRO A 45 9.66 -2.36 1.98
C PRO A 45 8.14 -2.48 1.84
N ASN A 46 7.65 -3.51 1.17
CA ASN A 46 6.20 -3.61 0.97
C ASN A 46 5.48 -3.98 2.24
N HIS A 47 6.11 -4.77 3.11
CA HIS A 47 5.49 -5.06 4.39
C HIS A 47 5.44 -3.83 5.28
N VAL A 48 6.51 -3.03 5.26
CA VAL A 48 6.50 -1.81 6.06
C VAL A 48 5.38 -0.87 5.59
N ALA A 49 5.19 -0.75 4.28
CA ALA A 49 4.11 0.07 3.78
C ALA A 49 2.76 -0.52 4.22
N GLN A 50 2.65 -1.84 4.17
CA GLN A 50 1.41 -2.51 4.62
C GLN A 50 1.11 -2.22 6.08
N ILE A 51 2.11 -2.31 6.94
CA ILE A 51 1.88 -2.09 8.37
C ILE A 51 1.43 -0.65 8.60
N ARG A 52 2.09 0.32 8.00
CA ARG A 52 1.63 1.71 8.14
C ARG A 52 0.18 1.86 7.73
N LYS A 53 -0.16 1.27 6.59
CA LYS A 53 -1.51 1.33 6.07
C LYS A 53 -2.51 0.72 7.05
N VAL A 54 -2.23 -0.48 7.54
CA VAL A 54 -3.18 -1.13 8.45
C VAL A 54 -3.31 -0.36 9.76
N VAL A 55 -2.19 0.10 10.30
CA VAL A 55 -2.23 0.88 11.52
C VAL A 55 -3.16 2.08 11.34
N ARG A 56 -3.01 2.76 10.21
CA ARG A 56 -3.76 3.99 9.98
C ARG A 56 -5.24 3.79 9.69
N THR A 57 -5.66 2.54 9.46
CA THR A 57 -7.10 2.25 9.38
C THR A 57 -7.76 2.20 10.76
N GLY A 58 -6.95 2.07 11.80
CA GLY A 58 -7.46 1.87 13.14
C GLY A 58 -7.87 0.43 13.43
N LEU A 59 -7.79 -0.44 12.43
CA LEU A 59 -8.38 -1.77 12.57
C LEU A 59 -7.61 -2.75 13.44
N TYR A 60 -6.37 -2.45 13.78
CA TYR A 60 -5.67 -3.32 14.71
C TYR A 60 -6.21 -3.18 16.12
N SER A 61 -6.89 -2.08 16.41
CA SER A 61 -7.29 -1.84 17.76
C SER A 61 -8.29 -2.88 18.20
N GLY A 62 -8.02 -3.50 19.33
CA GLY A 62 -8.87 -4.56 19.85
C GLY A 62 -8.56 -5.96 19.34
N THR A 63 -7.60 -6.10 18.45
CA THR A 63 -7.29 -7.45 17.98
C THR A 63 -6.57 -8.23 19.08
N LYS A 64 -6.84 -9.53 19.11
CA LYS A 64 -6.34 -10.37 20.18
C LYS A 64 -4.93 -10.84 19.89
N PHE A 65 -4.20 -11.24 20.92
CA PHE A 65 -3.02 -12.08 20.73
C PHE A 65 -3.52 -13.50 20.88
N HIS A 66 -4.00 -14.04 19.76
CA HIS A 66 -4.77 -15.27 19.77
C HIS A 66 -3.94 -16.54 19.67
N ARG A 67 -2.66 -16.42 19.36
CA ARG A 67 -1.80 -17.59 19.29
CA ARG A 67 -1.79 -17.59 19.28
C ARG A 67 -0.44 -17.24 19.85
N VAL A 68 -0.18 -17.72 21.06
CA VAL A 68 1.00 -17.36 21.81
C VAL A 68 1.66 -18.63 22.30
N ILE A 69 2.91 -18.83 21.91
CA ILE A 69 3.60 -20.06 22.19
C ILE A 69 4.88 -19.72 22.96
N SER A 70 4.99 -20.29 24.15
CA SER A 70 6.14 -20.03 25.00
C SER A 70 7.41 -20.41 24.29
N GLY A 71 8.42 -19.57 24.42
CA GLY A 71 9.70 -19.86 23.79
C GLY A 71 9.70 -19.69 22.28
N PHE A 72 8.68 -19.05 21.74
CA PHE A 72 8.54 -18.90 20.30
C PHE A 72 8.07 -17.49 19.95
N MET A 73 6.77 -17.26 19.94
CA MET A 73 6.27 -15.95 19.54
C MET A 73 4.85 -15.73 20.02
N ALA A 74 4.44 -14.46 19.91
CA ALA A 74 3.07 -14.05 20.14
C ALA A 74 2.48 -13.50 18.86
N GLN A 75 1.41 -14.13 18.39
CA GLN A 75 0.77 -13.76 17.14
C GLN A 75 -0.54 -13.02 17.39
N GLY A 76 -0.72 -11.91 16.68
CA GLY A 76 -1.91 -11.10 16.79
C GLY A 76 -2.32 -10.57 15.43
N GLY A 77 -3.17 -9.57 15.44
CA GLY A 77 -3.52 -8.86 14.22
C GLY A 77 -4.55 -9.49 13.30
N ASP A 78 -5.36 -10.42 13.81
CA ASP A 78 -6.40 -11.02 13.00
C ASP A 78 -7.61 -10.10 13.06
N ILE A 79 -7.64 -9.15 12.14
CA ILE A 79 -8.65 -8.10 12.15
C ILE A 79 -10.05 -8.67 11.99
N ALA A 80 -10.22 -9.63 11.08
CA ALA A 80 -11.56 -10.16 10.83
C ALA A 80 -12.19 -10.74 12.09
N ALA A 81 -11.38 -11.36 12.94
CA ALA A 81 -11.90 -12.05 14.12
C ALA A 81 -12.59 -11.09 15.09
N THR A 82 -12.08 -9.86 15.21
CA THR A 82 -12.68 -8.92 16.16
C THR A 82 -13.49 -7.81 15.45
N LEU A 83 -13.18 -7.49 14.19
CA LEU A 83 -14.02 -6.57 13.42
C LEU A 83 -15.42 -7.16 13.18
N GLY A 84 -15.48 -8.47 12.95
CA GLY A 84 -16.74 -9.13 12.71
C GLY A 84 -17.05 -9.28 11.24
N ARG A 85 -16.15 -8.79 10.39
CA ARG A 85 -16.28 -8.91 8.96
C ARG A 85 -14.88 -8.91 8.38
N GLU A 86 -14.76 -9.38 7.14
CA GLU A 86 -13.47 -9.38 6.48
C GLU A 86 -13.10 -7.93 6.21
N PRO A 87 -11.88 -7.54 6.58
CA PRO A 87 -11.53 -6.15 6.30
C PRO A 87 -11.25 -5.91 4.83
N ASP A 88 -11.41 -4.66 4.42
CA ASP A 88 -10.99 -4.23 3.11
C ASP A 88 -9.47 -4.11 3.05
N LEU A 89 -8.78 -5.21 2.78
CA LEU A 89 -7.34 -5.24 2.90
C LEU A 89 -6.79 -6.35 2.02
N GLU A 90 -5.79 -6.02 1.20
CA GLU A 90 -5.17 -6.99 0.31
C GLU A 90 -3.92 -7.60 0.93
N ALA A 91 -3.60 -8.80 0.48
CA ALA A 91 -2.40 -9.48 0.93
C ALA A 91 -1.17 -8.81 0.32
N VAL A 92 -0.03 -9.12 0.90
CA VAL A 92 1.25 -8.60 0.43
C VAL A 92 2.15 -9.79 0.09
N ASP A 93 2.86 -9.68 -1.04
CA ASP A 93 3.74 -10.78 -1.46
C ASP A 93 4.87 -10.94 -0.48
N GLY A 94 5.31 -12.19 -0.31
CA GLY A 94 6.38 -12.49 0.62
C GLY A 94 7.64 -11.68 0.32
N GLU A 95 8.28 -11.24 1.39
CA GLU A 95 9.56 -10.55 1.35
C GLU A 95 10.44 -11.24 2.37
N PHE A 96 11.01 -12.38 2.00
CA PHE A 96 11.72 -13.20 2.97
C PHE A 96 13.20 -12.89 3.01
N VAL A 97 13.70 -12.34 1.92
CA VAL A 97 15.10 -11.92 1.82
C VAL A 97 15.13 -10.61 1.07
N PHE A 98 16.26 -9.91 1.14
CA PHE A 98 16.45 -8.72 0.32
C PHE A 98 17.82 -8.81 -0.34
N ARG A 99 17.94 -8.10 -1.46
CA ARG A 99 19.18 -8.00 -2.21
C ARG A 99 19.97 -6.84 -1.65
N ARG A 100 21.07 -7.16 -0.97
CA ARG A 100 21.86 -6.16 -0.28
C ARG A 100 23.14 -5.81 -1.06
N ASP A 101 23.40 -4.53 -1.24
CA ASP A 101 24.64 -4.04 -1.81
C ASP A 101 25.67 -3.92 -0.69
N PRO A 102 26.67 -4.79 -0.65
CA PRO A 102 27.63 -4.78 0.46
C PRO A 102 28.52 -3.54 0.51
N LYS A 103 28.50 -2.75 -0.56
CA LYS A 103 29.29 -1.51 -0.62
C LYS A 103 28.48 -0.34 -0.01
N SER A 104 27.19 -0.57 0.17
CA SER A 104 26.28 0.47 0.62
C SER A 104 25.73 0.19 2.02
N ILE A 105 25.12 -0.98 2.18
CA ILE A 105 24.60 -1.42 3.47
C ILE A 105 25.62 -2.38 4.05
N VAL A 106 26.44 -1.86 4.96
CA VAL A 106 27.55 -2.58 5.54
C VAL A 106 27.18 -3.11 6.90
N LEU A 107 27.36 -4.40 7.09
CA LEU A 107 27.08 -5.02 8.36
C LEU A 107 28.24 -4.86 9.31
N THR A 108 27.91 -4.57 10.55
CA THR A 108 28.88 -4.63 11.63
C THR A 108 28.97 -6.07 12.07
N VAL A 109 30.15 -6.63 11.91
CA VAL A 109 30.40 -8.00 12.31
C VAL A 109 30.58 -8.08 13.82
N ILE A 110 30.36 -9.27 14.37
CA ILE A 110 30.48 -9.51 15.78
C ILE A 110 31.90 -9.93 16.14
N ASN A 111 32.45 -10.82 15.32
CA ASN A 111 33.83 -11.24 15.50
C ASN A 111 34.64 -10.73 14.32
N GLU A 112 35.82 -10.19 14.60
CA GLU A 112 36.69 -9.62 13.58
C GLU A 112 37.57 -10.66 12.90
N GLU A 113 37.52 -11.90 13.39
CA GLU A 113 38.34 -12.97 12.82
C GLU A 113 37.93 -13.25 11.39
N ASP A 114 38.87 -13.79 10.61
CA ASP A 114 38.61 -14.14 9.21
C ASP A 114 37.41 -15.07 9.11
N GLN A 115 36.48 -14.72 8.23
CA GLN A 115 35.29 -15.53 7.99
C GLN A 115 35.64 -16.80 7.23
N THR A 116 34.95 -17.90 7.53
CA THR A 116 35.15 -19.17 6.83
C THR A 116 33.85 -19.89 6.51
N LYS A 117 32.70 -19.27 6.74
CA LYS A 117 31.42 -19.96 6.50
C LYS A 117 30.68 -19.39 5.28
N SER A 118 29.62 -20.07 4.87
CA SER A 118 28.85 -19.65 3.71
C SER A 118 28.00 -18.44 4.06
N GLN A 119 27.75 -18.26 5.34
CA GLN A 119 26.93 -17.15 5.81
C GLN A 119 27.55 -16.56 7.05
N TYR A 120 27.18 -15.32 7.37
CA TYR A 120 27.55 -14.75 8.65
C TYR A 120 26.43 -13.83 9.06
N THR A 121 26.49 -13.41 10.32
CA THR A 121 25.52 -12.49 10.86
C THR A 121 26.22 -11.23 11.37
N GLY A 122 25.44 -10.19 11.48
CA GLY A 122 25.94 -8.93 11.98
C GLY A 122 24.76 -8.01 12.17
N PHE A 123 25.05 -6.74 12.29
CA PHE A 123 24.02 -5.73 12.57
C PHE A 123 24.06 -4.61 11.55
N TYR A 124 22.88 -4.10 11.24
CA TYR A 124 22.75 -2.89 10.45
C TYR A 124 21.62 -2.07 11.05
N ASN A 125 21.93 -0.85 11.46
CA ASN A 125 20.91 0.04 12.04
C ASN A 125 20.16 -0.62 13.18
N GLY A 126 20.86 -1.44 13.93
CA GLY A 126 20.29 -2.08 15.11
C GLY A 126 19.47 -3.31 14.78
N PHE A 127 19.33 -3.64 13.50
CA PHE A 127 18.62 -4.84 13.10
C PHE A 127 19.61 -5.98 12.95
N PRO A 128 19.25 -7.18 13.39
CA PRO A 128 20.11 -8.32 13.14
C PRO A 128 19.97 -8.72 11.67
N ILE A 129 21.09 -9.10 11.06
CA ILE A 129 21.12 -9.43 9.64
C ILE A 129 21.94 -10.70 9.47
N GLU A 130 21.46 -11.61 8.64
CA GLU A 130 22.26 -12.75 8.19
C GLU A 130 22.40 -12.63 6.68
N THR A 131 23.54 -13.08 6.17
CA THR A 131 23.84 -12.82 4.79
C THR A 131 24.69 -13.89 4.16
N ARG A 132 24.48 -14.08 2.87
CA ARG A 132 25.46 -14.77 2.03
C ARG A 132 26.69 -13.88 1.95
N GLN A 133 27.82 -14.47 1.55
CA GLN A 133 29.08 -13.74 1.62
C GLN A 133 29.14 -12.57 0.66
N ASP A 134 29.70 -11.46 1.14
CA ASP A 134 29.78 -10.23 0.36
C ASP A 134 30.58 -10.39 -0.91
N GLU A 135 31.52 -11.32 -0.92
CA GLU A 135 32.36 -11.56 -2.10
C GLU A 135 31.52 -11.98 -3.31
N LEU A 136 30.33 -12.51 -3.09
CA LEU A 136 29.49 -12.91 -4.22
C LEU A 136 29.06 -11.71 -5.05
N ALA A 137 29.06 -10.53 -4.44
CA ALA A 137 28.61 -9.35 -5.17
C ALA A 137 29.54 -8.92 -6.29
N ASN A 138 30.76 -9.45 -6.31
CA ASN A 138 31.68 -9.13 -7.39
C ASN A 138 31.14 -9.54 -8.75
N TYR A 139 30.41 -10.64 -8.78
CA TYR A 139 30.01 -11.25 -10.04
C TYR A 139 28.52 -11.49 -10.16
N SER A 140 27.74 -11.13 -9.14
CA SER A 140 26.30 -11.33 -9.26
C SER A 140 25.74 -10.30 -10.24
N GLU A 141 24.62 -10.61 -10.85
CA GLU A 141 24.06 -9.75 -11.90
C GLU A 141 23.71 -8.34 -11.39
N ASP A 142 23.28 -8.22 -10.14
CA ASP A 142 22.92 -6.91 -9.58
C ASP A 142 23.97 -6.35 -8.62
N LYS A 143 25.11 -7.01 -8.56
CA LYS A 143 26.18 -6.64 -7.63
C LYS A 143 25.69 -6.60 -6.20
N ARG A 144 24.74 -7.48 -5.89
CA ARG A 144 24.20 -7.60 -4.55
C ARG A 144 24.33 -9.04 -4.07
N VAL A 145 23.98 -9.24 -2.81
CA VAL A 145 23.95 -10.57 -2.22
C VAL A 145 22.66 -10.72 -1.45
N GLU A 146 22.26 -11.97 -1.21
CA GLU A 146 21.06 -12.25 -0.47
C GLU A 146 21.29 -12.05 1.03
N SER A 147 20.40 -11.30 1.66
CA SER A 147 20.44 -11.10 3.11
C SER A 147 19.04 -11.18 3.68
N TRP A 148 18.94 -11.36 4.99
CA TRP A 148 17.64 -11.39 5.63
C TRP A 148 17.77 -10.96 7.09
N MET A 149 16.64 -10.62 7.72
CA MET A 149 16.65 -10.31 9.12
C MET A 149 16.20 -11.55 9.87
N PRO A 150 17.13 -12.23 10.54
CA PRO A 150 16.75 -13.48 11.20
C PRO A 150 15.82 -13.26 12.35
N HIS A 151 15.08 -14.29 12.71
CA HIS A 151 14.04 -14.18 13.70
C HIS A 151 14.61 -14.34 15.11
N CYS A 152 15.45 -13.39 15.50
CA CYS A 152 15.92 -13.27 16.86
C CYS A 152 14.77 -12.81 17.74
N ALA A 153 14.87 -13.04 19.04
CA ALA A 153 13.95 -12.41 19.99
C ALA A 153 13.96 -10.92 19.73
N GLY A 154 12.79 -10.31 19.71
CA GLY A 154 12.68 -8.90 19.43
C GLY A 154 12.22 -8.55 18.03
N VAL A 155 12.48 -9.44 17.08
CA VAL A 155 12.08 -9.20 15.70
C VAL A 155 10.57 -9.34 15.61
N VAL A 156 10.02 -8.64 14.65
CA VAL A 156 8.59 -8.67 14.36
C VAL A 156 8.42 -9.11 12.91
N SER A 157 7.48 -10.02 12.67
CA SER A 157 7.37 -10.66 11.37
C SER A 157 5.91 -10.87 10.99
N MET A 158 5.68 -11.34 9.77
CA MET A 158 4.35 -11.44 9.24
C MET A 158 3.85 -12.88 9.22
N ALA A 159 2.69 -13.11 9.81
CA ALA A 159 2.10 -14.42 9.75
C ALA A 159 1.64 -14.73 8.35
N ARG A 160 1.60 -16.01 8.02
CA ARG A 160 1.10 -16.45 6.73
C ARG A 160 0.72 -17.91 6.81
N THR A 161 -0.06 -18.34 5.83
CA THR A 161 -0.40 -19.75 5.63
C THR A 161 0.69 -20.45 4.82
N ASN A 162 0.43 -21.66 4.33
CA ASN A 162 1.42 -22.33 3.49
C ASN A 162 1.74 -21.51 2.23
N ASP A 163 0.80 -20.67 1.82
CA ASP A 163 0.97 -19.76 0.69
C ASP A 163 1.93 -18.62 1.03
N PRO A 164 3.08 -18.53 0.33
CA PRO A 164 4.04 -17.50 0.74
C PRO A 164 3.55 -16.06 0.52
N ASN A 165 2.48 -15.87 -0.23
CA ASN A 165 1.96 -14.55 -0.53
C ASN A 165 0.68 -14.21 0.25
N SER A 166 0.44 -14.90 1.36
CA SER A 166 -0.80 -14.75 2.09
C SER A 166 -0.70 -13.80 3.29
N GLY A 167 0.47 -13.22 3.52
CA GLY A 167 0.62 -12.24 4.58
C GLY A 167 -0.32 -11.09 4.33
N LYS A 168 -0.93 -10.55 5.39
CA LYS A 168 -1.92 -9.49 5.21
C LYS A 168 -1.98 -8.58 6.41
N ASP A 169 -2.49 -9.09 7.52
CA ASP A 169 -2.63 -8.29 8.74
C ASP A 169 -1.97 -8.93 9.97
N GLN A 170 -2.07 -10.25 10.08
CA GLN A 170 -1.55 -10.92 11.26
C GLN A 170 -0.03 -10.85 11.30
N PHE A 171 0.50 -10.61 12.49
CA PHE A 171 1.92 -10.43 12.71
C PHE A 171 2.34 -11.26 13.90
N PHE A 172 3.62 -11.52 14.04
N PHE A 172 3.68 -11.42 13.98
CA PHE A 172 4.05 -12.09 15.30
CA PHE A 172 4.40 -12.17 15.03
C PHE A 172 5.27 -11.40 15.86
C PHE A 172 5.28 -11.25 15.84
N LEU A 173 5.25 -11.37 17.18
CA LEU A 173 6.30 -10.77 18.00
C LEU A 173 7.21 -11.89 18.47
N MET A 174 8.47 -11.86 18.08
CA MET A 174 9.38 -12.94 18.44
C MET A 174 9.79 -12.87 19.90
N ARG A 175 9.47 -13.92 20.64
CA ARG A 175 9.80 -14.00 22.06
C ARG A 175 11.13 -14.71 22.30
N ASP A 176 11.57 -15.50 21.33
CA ASP A 176 12.82 -16.27 21.44
C ASP A 176 13.33 -16.56 20.05
N GLU A 177 14.64 -16.76 19.95
CA GLU A 177 15.29 -17.06 18.69
C GLU A 177 14.62 -18.24 18.00
N SER A 178 14.24 -18.02 16.75
CA SER A 178 13.51 -19.03 15.98
C SER A 178 14.01 -19.11 14.54
N ARG A 179 15.19 -19.68 14.36
CA ARG A 179 15.88 -19.57 13.08
C ARG A 179 15.26 -20.41 12.00
N PHE A 180 14.40 -21.35 12.40
CA PHE A 180 13.64 -22.16 11.43
C PHE A 180 12.65 -21.32 10.65
N LEU A 181 12.38 -20.08 11.09
CA LEU A 181 11.55 -19.16 10.32
C LEU A 181 12.31 -18.40 9.24
N ASP A 182 13.62 -18.38 9.37
CA ASP A 182 14.44 -17.53 8.52
C ASP A 182 14.31 -17.93 7.05
N ARG A 183 14.20 -16.89 6.21
CA ARG A 183 14.03 -17.02 4.77
C ARG A 183 12.68 -17.61 4.37
N LYS A 184 11.78 -17.74 5.35
CA LYS A 184 10.46 -18.29 5.10
C LYS A 184 9.33 -17.38 5.54
N TYR A 185 9.63 -16.34 6.33
CA TYR A 185 8.62 -15.40 6.80
C TYR A 185 9.17 -14.00 6.63
N SER A 186 8.27 -13.05 6.42
CA SER A 186 8.67 -11.68 6.14
C SER A 186 8.87 -10.88 7.41
N SER A 187 10.09 -10.87 7.93
CA SER A 187 10.40 -10.01 9.07
C SER A 187 10.48 -8.55 8.60
N TRP A 188 9.96 -7.65 9.41
CA TRP A 188 9.78 -6.27 8.96
C TRP A 188 10.04 -5.22 10.01
N GLY A 189 10.27 -5.64 11.25
CA GLY A 189 10.51 -4.67 12.30
C GLY A 189 11.17 -5.29 13.51
N ARG A 190 11.41 -4.45 14.51
CA ARG A 190 12.06 -4.86 15.72
C ARG A 190 11.51 -4.11 16.91
N MET A 191 11.34 -4.79 18.04
CA MET A 191 10.85 -4.16 19.26
C MET A 191 11.98 -3.46 19.97
N LEU A 192 12.02 -2.13 19.83
CA LEU A 192 13.01 -1.32 20.52
C LEU A 192 12.87 -1.43 22.03
N GLU A 193 11.62 -1.41 22.47
N GLU A 193 11.62 -1.37 22.46
CA GLU A 193 11.25 -1.60 23.86
CA GLU A 193 11.24 -1.58 23.85
C GLU A 193 10.00 -2.44 23.81
C GLU A 193 9.99 -2.41 23.83
N GLY A 194 9.86 -3.33 24.78
CA GLY A 194 8.69 -4.16 24.89
C GLY A 194 8.87 -5.64 24.59
N LEU A 195 10.09 -6.09 24.34
CA LEU A 195 10.31 -7.53 24.25
C LEU A 195 9.82 -8.22 25.51
N ASP A 196 10.07 -7.62 26.67
CA ASP A 196 9.62 -8.20 27.93
C ASP A 196 8.09 -8.25 27.98
N VAL A 197 7.44 -7.22 27.44
CA VAL A 197 5.98 -7.20 27.33
C VAL A 197 5.51 -8.35 26.45
N ALA A 198 6.14 -8.53 25.28
CA ALA A 198 5.78 -9.61 24.36
C ALA A 198 5.92 -10.95 25.04
N LYS A 199 6.98 -11.13 25.82
CA LYS A 199 7.22 -12.37 26.53
C LYS A 199 6.23 -12.61 27.67
N SER A 200 5.45 -11.60 28.01
CA SER A 200 4.48 -11.74 29.11
C SER A 200 3.06 -11.97 28.58
N LEU A 201 2.85 -11.84 27.27
CA LEU A 201 1.51 -12.05 26.72
C LEU A 201 1.03 -13.47 27.03
N THR A 202 -0.25 -13.60 27.32
CA THR A 202 -0.81 -14.86 27.80
C THR A 202 -0.68 -15.95 26.74
N ILE A 203 -0.15 -17.07 27.18
CA ILE A 203 0.11 -18.23 26.34
C ILE A 203 -1.17 -18.98 26.03
N GLY A 204 -1.30 -19.45 24.80
CA GLY A 204 -2.42 -20.33 24.45
C GLY A 204 -2.70 -20.31 22.96
N GLU A 205 -3.41 -21.32 22.50
CA GLU A 205 -3.66 -21.52 21.08
C GLU A 205 -5.11 -21.97 20.84
N PRO A 206 -6.08 -21.11 21.18
CA PRO A 206 -5.90 -19.78 21.74
C PRO A 206 -5.94 -19.76 23.27
N PRO A 207 -5.47 -18.66 23.88
CA PRO A 207 -5.73 -18.48 25.31
C PRO A 207 -7.22 -18.44 25.56
N GLU A 208 -7.62 -18.82 26.76
CA GLU A 208 -9.01 -18.63 27.16
C GLU A 208 -9.38 -17.17 27.13
N ARG A 209 -8.49 -16.33 27.64
CA ARG A 209 -8.73 -14.91 27.76
C ARG A 209 -7.49 -14.21 27.26
N PRO A 210 -7.40 -14.04 25.94
CA PRO A 210 -6.15 -13.52 25.37
C PRO A 210 -5.85 -12.09 25.74
N ASP A 211 -4.58 -11.75 25.74
CA ASP A 211 -4.18 -10.34 25.76
C ASP A 211 -4.60 -9.67 24.45
N ILE A 212 -4.63 -8.34 24.47
CA ILE A 212 -5.21 -7.55 23.39
C ILE A 212 -4.24 -6.47 22.97
N LEU A 213 -4.20 -6.23 21.67
CA LEU A 213 -3.56 -5.05 21.11
C LEU A 213 -4.60 -3.96 21.20
N VAL A 214 -4.49 -3.12 22.21
CA VAL A 214 -5.50 -2.11 22.48
C VAL A 214 -5.51 -1.00 21.43
N SER A 215 -4.31 -0.57 21.03
CA SER A 215 -4.20 0.46 20.02
C SER A 215 -2.85 0.38 19.33
N ALA A 216 -2.80 0.90 18.11
CA ALA A 216 -1.58 1.04 17.35
C ALA A 216 -1.55 2.45 16.77
N VAL A 217 -0.40 3.12 16.87
N VAL A 217 -0.38 3.08 16.86
CA VAL A 217 -0.28 4.44 16.29
CA VAL A 217 -0.21 4.44 16.38
C VAL A 217 1.11 4.66 15.73
C VAL A 217 1.14 4.60 15.70
N MET A 218 1.16 5.21 14.53
CA MET A 218 2.39 5.68 13.91
C MET A 218 2.82 6.98 14.57
N VAL A 219 4.07 7.03 15.02
CA VAL A 219 4.51 8.20 15.75
C VAL A 219 4.48 9.45 14.87
N SER A 220 4.70 9.31 13.57
CA SER A 220 4.63 10.43 12.64
C SER A 220 3.24 11.07 12.59
N ASP A 221 2.22 10.32 13.00
CA ASP A 221 0.86 10.81 12.96
C ASP A 221 0.48 11.59 14.20
N LEU A 222 1.35 11.56 15.20
CA LEU A 222 1.14 12.34 16.41
C LEU A 222 1.61 13.77 16.20
N ALA A 223 1.03 14.68 16.96
CA ALA A 223 1.52 16.05 16.99
C ALA A 223 2.97 16.03 17.48
N PRO A 224 3.81 16.92 16.93
CA PRO A 224 5.22 16.91 17.33
C PRO A 224 5.46 16.82 18.84
N LYS A 225 4.73 17.57 19.65
CA LYS A 225 5.02 17.60 21.08
C LYS A 225 4.65 16.28 21.76
N ASP A 226 3.80 15.48 21.11
CA ASP A 226 3.32 14.23 21.71
C ASP A 226 4.16 13.00 21.32
N ARG A 227 5.09 13.20 20.38
CA ARG A 227 5.84 12.08 19.84
C ARG A 227 6.87 11.55 20.82
N PRO A 228 6.84 10.25 21.13
CA PRO A 228 8.01 9.68 21.79
C PRO A 228 9.20 9.80 20.89
N GLU A 229 10.39 9.88 21.48
CA GLU A 229 11.63 10.00 20.72
C GLU A 229 12.48 8.78 21.00
N ALA A 230 12.84 8.06 19.95
CA ALA A 230 13.61 6.83 20.09
C ALA A 230 14.98 6.94 19.46
N TRP A 231 15.94 6.28 20.08
CA TRP A 231 17.30 6.21 19.56
C TRP A 231 17.75 4.78 19.65
N VAL A 232 18.59 4.39 18.69
CA VAL A 232 19.17 3.06 18.63
C VAL A 232 20.67 3.24 18.54
N MET A 233 21.40 2.51 19.35
CA MET A 233 22.85 2.60 19.32
C MET A 233 23.37 2.26 17.92
N ARG A 234 24.37 3.01 17.49
CA ARG A 234 25.01 2.80 16.20
C ARG A 234 25.98 1.62 16.28
N ASN A 235 25.74 0.60 15.46
CA ASN A 235 26.52 -0.60 15.55
C ASN A 235 27.95 -0.35 15.14
N ASP A 236 28.18 0.67 14.33
CA ASP A 236 29.51 0.97 13.82
C ASP A 236 30.24 2.00 14.69
N GLY A 237 29.68 2.29 15.85
CA GLY A 237 30.30 3.22 16.77
C GLY A 237 31.02 2.52 17.91
N PRO A 238 31.76 3.28 18.70
CA PRO A 238 32.61 2.67 19.73
C PRO A 238 31.86 2.14 20.93
N MET A 239 30.73 2.72 21.27
CA MET A 239 29.98 2.17 22.39
C MET A 239 29.49 0.76 22.05
N PHE A 240 29.12 0.53 20.80
CA PHE A 240 28.68 -0.80 20.44
C PHE A 240 29.87 -1.77 20.45
N SER A 241 31.04 -1.30 20.07
CA SER A 241 32.24 -2.13 20.18
C SER A 241 32.47 -2.58 21.63
N LEU A 242 32.28 -1.67 22.57
N LEU A 242 32.29 -1.67 22.57
CA LEU A 242 32.44 -1.98 23.97
CA LEU A 242 32.45 -2.00 23.98
C LEU A 242 31.35 -2.94 24.44
C LEU A 242 31.35 -2.95 24.44
N PHE A 243 30.13 -2.74 23.95
CA PHE A 243 29.03 -3.63 24.25
C PHE A 243 29.33 -5.06 23.79
N LEU A 244 29.81 -5.22 22.57
CA LEU A 244 30.17 -6.56 22.08
C LEU A 244 31.29 -7.15 22.90
N ASP A 245 32.29 -6.33 23.23
CA ASP A 245 33.38 -6.80 24.08
C ASP A 245 32.86 -7.37 25.38
N ARG A 246 31.96 -6.61 26.00
CA ARG A 246 31.42 -6.94 27.30
C ARG A 246 30.54 -8.20 27.22
N MET A 247 29.71 -8.29 26.19
CA MET A 247 28.74 -9.39 26.09
C MET A 247 29.32 -10.70 25.54
N GLY A 248 30.30 -10.61 24.65
CA GLY A 248 30.97 -11.79 24.12
C GLY A 248 30.91 -11.90 22.61
N ARG A 249 32.08 -11.79 21.98
CA ARG A 249 32.15 -11.75 20.51
C ARG A 249 32.18 -13.12 19.86
N ASP A 250 32.04 -14.17 20.67
CA ASP A 250 31.88 -15.53 20.17
C ASP A 250 30.41 -15.83 19.90
N LYS A 251 29.53 -14.92 20.31
CA LYS A 251 28.10 -15.12 20.20
C LYS A 251 27.56 -14.78 18.83
N ASP A 252 26.58 -15.55 18.38
CA ASP A 252 25.87 -15.23 17.16
C ASP A 252 24.90 -14.08 17.47
N VAL A 253 24.41 -13.42 16.42
CA VAL A 253 23.59 -12.24 16.57
C VAL A 253 22.38 -12.48 17.49
N CYS A 254 21.80 -13.67 17.42
CA CYS A 254 20.61 -13.93 18.23
C CYS A 254 20.91 -14.35 19.67
N SER A 255 22.19 -14.59 19.98
CA SER A 255 22.56 -14.91 21.37
C SER A 255 23.01 -13.67 22.15
N LEU A 256 23.21 -12.57 21.43
CA LEU A 256 23.47 -11.29 22.05
C LEU A 256 22.16 -10.64 22.47
N PRO A 257 22.20 -9.69 23.41
CA PRO A 257 21.02 -8.86 23.60
C PRO A 257 20.74 -8.09 22.33
N GLN A 258 19.58 -7.46 22.25
CA GLN A 258 19.34 -6.57 21.15
C GLN A 258 20.27 -5.36 21.24
N THR A 259 20.48 -4.71 20.11
CA THR A 259 21.22 -3.47 20.07
C THR A 259 20.61 -2.52 21.07
N PRO A 260 21.43 -1.93 21.96
CA PRO A 260 20.81 -1.02 22.93
C PRO A 260 19.98 0.04 22.26
N SER A 261 18.77 0.21 22.78
CA SER A 261 17.80 1.14 22.24
C SER A 261 17.04 1.79 23.38
N VAL A 262 16.60 3.01 23.17
CA VAL A 262 15.88 3.74 24.21
CA VAL A 262 15.89 3.75 24.21
C VAL A 262 14.76 4.56 23.60
N VAL A 263 13.65 4.63 24.31
CA VAL A 263 12.50 5.40 23.90
C VAL A 263 12.15 6.36 25.03
N PHE A 264 12.07 7.65 24.71
CA PHE A 264 11.77 8.68 25.69
C PHE A 264 10.42 9.28 25.36
N VAL A 265 9.51 9.24 26.31
CA VAL A 265 8.19 9.80 26.06
C VAL A 265 8.20 11.25 26.47
N SER A 266 7.22 11.97 25.95
CA SER A 266 7.10 13.40 26.18
C SER A 266 6.75 13.72 27.63
N GLU A 267 7.19 14.90 28.09
CA GLU A 267 6.73 15.41 29.37
C GLU A 267 5.28 15.86 29.20
N ASP A 268 4.58 16.03 30.33
CA ASP A 268 3.21 16.50 30.33
C ASP A 268 3.10 17.89 29.72
N VAL B 3 -12.10 -13.22 -3.67
CA VAL B 3 -12.12 -12.04 -4.60
C VAL B 3 -11.62 -12.41 -5.99
N GLU B 4 -11.24 -13.67 -6.19
CA GLU B 4 -10.92 -14.13 -7.54
C GLU B 4 -12.17 -14.74 -8.13
N TYR B 5 -12.50 -14.29 -9.33
CA TYR B 5 -13.65 -14.77 -10.06
C TYR B 5 -13.15 -15.45 -11.32
N THR B 6 -13.61 -16.68 -11.55
CA THR B 6 -13.20 -17.43 -12.73
C THR B 6 -13.98 -16.94 -13.94
N LYS B 7 -13.39 -17.10 -15.13
CA LYS B 7 -14.05 -16.70 -16.35
C LYS B 7 -15.36 -17.48 -16.49
N GLU B 8 -15.30 -18.75 -16.14
CA GLU B 8 -16.48 -19.60 -16.21
C GLU B 8 -17.60 -19.05 -15.32
N SER B 9 -17.27 -18.70 -14.07
CA SER B 9 -18.30 -18.27 -13.13
C SER B 9 -18.89 -16.94 -13.53
N VAL B 10 -18.06 -16.10 -14.16
CA VAL B 10 -18.50 -14.79 -14.59
C VAL B 10 -19.38 -14.90 -15.83
N GLN B 11 -18.97 -15.72 -16.80
CA GLN B 11 -19.77 -15.90 -18.02
C GLN B 11 -21.09 -16.60 -17.74
N ALA B 12 -21.13 -17.44 -16.72
CA ALA B 12 -22.35 -18.17 -16.40
C ALA B 12 -23.37 -17.30 -15.68
N ASP B 13 -22.98 -16.07 -15.33
CA ASP B 13 -23.77 -15.28 -14.38
C ASP B 13 -23.98 -13.84 -14.82
N PRO B 14 -24.72 -13.65 -15.91
CA PRO B 14 -24.93 -12.28 -16.42
C PRO B 14 -25.75 -11.38 -15.48
N GLU B 15 -26.47 -11.94 -14.51
CA GLU B 15 -27.19 -11.10 -13.56
C GLU B 15 -26.23 -10.31 -12.68
N ASN B 16 -25.02 -10.82 -12.53
CA ASN B 16 -24.05 -10.24 -11.64
C ASN B 16 -22.86 -9.62 -12.34
N TRP B 17 -22.71 -9.87 -13.63
CA TRP B 17 -21.53 -9.40 -14.37
C TRP B 17 -21.90 -8.78 -15.71
N ARG B 18 -21.31 -7.60 -15.93
CA ARG B 18 -21.49 -6.82 -17.16
C ARG B 18 -20.24 -6.88 -18.04
N SER B 19 -20.43 -7.20 -19.31
CA SER B 19 -19.33 -7.28 -20.24
C SER B 19 -18.95 -5.87 -20.68
N VAL B 20 -17.66 -5.59 -20.61
CA VAL B 20 -17.16 -4.27 -20.99
C VAL B 20 -17.04 -4.22 -22.51
N ASP B 21 -17.59 -3.18 -23.11
CA ASP B 21 -17.47 -2.89 -24.53
C ASP B 21 -15.98 -2.72 -24.89
N PRO B 22 -15.48 -3.47 -25.89
CA PRO B 22 -14.05 -3.31 -26.22
C PRO B 22 -13.68 -1.91 -26.64
N ASP B 23 -14.62 -1.13 -27.18
CA ASP B 23 -14.32 0.24 -27.55
C ASP B 23 -14.30 1.16 -26.31
N ASN B 24 -14.67 0.61 -25.15
CA ASN B 24 -14.55 1.35 -23.89
C ASN B 24 -13.39 0.83 -23.05
N LEU B 25 -12.50 0.04 -23.63
CA LEU B 25 -11.46 -0.62 -22.84
C LEU B 25 -10.11 -0.27 -23.43
N VAL B 26 -9.26 0.32 -22.60
CA VAL B 26 -7.95 0.78 -23.00
C VAL B 26 -6.90 0.06 -22.20
N ILE B 27 -5.85 -0.38 -22.87
CA ILE B 27 -4.73 -1.02 -22.23
C ILE B 27 -3.58 -0.02 -22.15
N PHE B 28 -3.21 0.35 -20.93
CA PHE B 28 -2.01 1.17 -20.70
C PHE B 28 -0.94 0.25 -20.19
N GLU B 29 0.05 -0.05 -21.01
CA GLU B 29 1.20 -0.82 -20.56
C GLU B 29 2.24 0.13 -20.05
N THR B 30 2.62 -0.04 -18.78
CA THR B 30 3.58 0.84 -18.13
C THR B 30 4.80 0.05 -17.70
N THR B 31 5.86 0.75 -17.31
CA THR B 31 7.06 0.07 -16.84
C THR B 31 6.88 -0.51 -15.44
N LYS B 32 5.70 -0.33 -14.83
CA LYS B 32 5.38 -1.03 -13.57
C LYS B 32 4.31 -2.11 -13.76
N GLY B 33 3.85 -2.30 -14.99
CA GLY B 33 2.82 -3.27 -15.27
C GLY B 33 1.66 -2.70 -16.03
N VAL B 34 0.62 -3.52 -16.21
CA VAL B 34 -0.49 -3.13 -17.06
C VAL B 34 -1.62 -2.52 -16.27
N VAL B 35 -2.27 -1.55 -16.90
CA VAL B 35 -3.44 -0.88 -16.37
C VAL B 35 -4.54 -0.99 -17.42
N TYR B 36 -5.65 -1.61 -17.04
CA TYR B 36 -6.81 -1.69 -17.91
C TYR B 36 -7.82 -0.66 -17.48
N ILE B 37 -8.17 0.24 -18.38
CA ILE B 37 -9.08 1.35 -18.07
C ILE B 37 -10.37 1.20 -18.82
N GLU B 38 -11.49 1.30 -18.10
CA GLU B 38 -12.78 1.40 -18.75
C GLU B 38 -13.14 2.87 -18.88
N LEU B 39 -13.46 3.27 -20.10
CA LEU B 39 -13.94 4.62 -20.40
C LEU B 39 -15.39 4.75 -19.98
N ALA B 40 -15.77 5.96 -19.59
CA ALA B 40 -17.11 6.26 -19.10
C ALA B 40 -17.83 7.31 -19.97
N PRO B 41 -18.35 6.90 -21.14
CA PRO B 41 -18.90 7.86 -22.11
C PRO B 41 -20.13 8.60 -21.60
N GLU B 42 -20.88 8.01 -20.68
CA GLU B 42 -22.07 8.69 -20.17
C GLU B 42 -21.69 9.79 -19.17
N ILE B 43 -20.47 9.75 -18.69
CA ILE B 43 -19.97 10.71 -17.70
C ILE B 43 -19.20 11.85 -18.35
N ALA B 44 -18.35 11.51 -19.32
CA ALA B 44 -17.52 12.52 -20.00
C ALA B 44 -17.36 12.14 -21.47
N PRO B 45 -18.43 12.31 -22.25
CA PRO B 45 -18.45 11.80 -23.62
C PRO B 45 -17.33 12.36 -24.50
N ASN B 46 -17.06 13.65 -24.41
CA ASN B 46 -16.06 14.24 -25.28
C ASN B 46 -14.65 13.85 -24.87
N HIS B 47 -14.42 13.66 -23.58
CA HIS B 47 -13.12 13.18 -23.12
C HIS B 47 -12.89 11.74 -23.54
N VAL B 48 -13.89 10.89 -23.46
CA VAL B 48 -13.72 9.50 -23.90
C VAL B 48 -13.35 9.48 -25.41
N ALA B 49 -14.01 10.31 -26.20
CA ALA B 49 -13.66 10.41 -27.61
C ALA B 49 -12.23 10.92 -27.79
N GLN B 50 -11.86 11.89 -26.99
CA GLN B 50 -10.51 12.43 -27.02
C GLN B 50 -9.46 11.37 -26.72
N ILE B 51 -9.70 10.58 -25.68
CA ILE B 51 -8.73 9.56 -25.32
C ILE B 51 -8.61 8.53 -26.43
N ARG B 52 -9.73 8.08 -27.00
CA ARG B 52 -9.64 7.14 -28.10
C ARG B 52 -8.78 7.69 -29.24
N LYS B 53 -9.01 8.94 -29.59
CA LYS B 53 -8.33 9.64 -30.64
C LYS B 53 -6.83 9.68 -30.34
N VAL B 54 -6.49 10.12 -29.14
CA VAL B 54 -5.08 10.27 -28.81
C VAL B 54 -4.41 8.91 -28.80
N VAL B 55 -5.07 7.91 -28.23
CA VAL B 55 -4.50 6.57 -28.23
C VAL B 55 -4.18 6.12 -29.66
N ARG B 56 -5.11 6.35 -30.57
CA ARG B 56 -5.00 5.86 -31.94
C ARG B 56 -3.95 6.61 -32.76
N THR B 57 -3.45 7.75 -32.27
CA THR B 57 -2.31 8.40 -32.92
C THR B 57 -0.99 7.71 -32.65
N GLY B 58 -0.96 6.88 -31.61
CA GLY B 58 0.25 6.23 -31.16
C GLY B 58 1.11 7.13 -30.28
N LEU B 59 0.71 8.38 -30.11
CA LEU B 59 1.59 9.36 -29.48
C LEU B 59 1.74 9.23 -27.97
N TYR B 60 0.88 8.46 -27.29
CA TYR B 60 1.09 8.24 -25.87
C TYR B 60 2.29 7.33 -25.61
N SER B 61 2.69 6.56 -26.61
CA SER B 61 3.77 5.61 -26.38
C SER B 61 5.06 6.32 -26.06
N GLY B 62 5.68 5.91 -24.96
CA GLY B 62 6.92 6.53 -24.52
C GLY B 62 6.74 7.75 -23.64
N THR B 63 5.52 8.20 -23.41
CA THR B 63 5.35 9.36 -22.52
C THR B 63 5.67 8.96 -21.09
N LYS B 64 6.21 9.92 -20.35
CA LYS B 64 6.65 9.70 -18.98
C LYS B 64 5.51 9.82 -17.99
N PHE B 65 5.67 9.21 -16.83
CA PHE B 65 4.87 9.60 -15.67
C PHE B 65 5.70 10.63 -14.92
N HIS B 66 5.55 11.87 -15.35
CA HIS B 66 6.47 12.94 -14.99
C HIS B 66 6.12 13.69 -13.70
N ARG B 67 4.91 13.50 -13.18
CA ARG B 67 4.52 14.11 -11.92
CA ARG B 67 4.53 14.09 -11.91
C ARG B 67 3.74 13.06 -11.15
N VAL B 68 4.35 12.55 -10.09
CA VAL B 68 3.75 11.48 -9.31
C VAL B 68 3.88 11.87 -7.86
N ILE B 69 2.73 11.97 -7.18
CA ILE B 69 2.65 12.46 -5.82
C ILE B 69 2.04 11.38 -4.96
N SER B 70 2.78 10.96 -3.94
CA SER B 70 2.33 9.93 -3.03
C SER B 70 1.02 10.35 -2.37
N GLY B 71 0.11 9.39 -2.27
CA GLY B 71 -1.18 9.64 -1.67
C GLY B 71 -2.10 10.51 -2.50
N PHE B 72 -1.77 10.69 -3.78
CA PHE B 72 -2.52 11.58 -4.65
C PHE B 72 -2.74 10.96 -6.04
N MET B 73 -1.78 11.12 -6.94
CA MET B 73 -1.99 10.63 -8.29
C MET B 73 -0.67 10.51 -9.03
N ALA B 74 -0.74 9.82 -10.16
CA ALA B 74 0.35 9.77 -11.12
C ALA B 74 -0.11 10.41 -12.40
N GLN B 75 0.61 11.44 -12.82
CA GLN B 75 0.27 12.18 -14.03
C GLN B 75 1.22 11.83 -15.17
N GLY B 76 0.65 11.55 -16.33
CA GLY B 76 1.41 11.25 -17.51
C GLY B 76 0.78 11.87 -18.74
N GLY B 77 1.20 11.40 -19.90
CA GLY B 77 0.58 11.81 -21.16
C GLY B 77 1.00 13.13 -21.76
N ASP B 78 2.14 13.67 -21.34
CA ASP B 78 2.64 14.91 -21.92
C ASP B 78 3.38 14.57 -23.21
N ILE B 79 2.61 14.54 -24.30
CA ILE B 79 3.12 14.10 -25.59
C ILE B 79 4.24 15.01 -26.08
N ALA B 80 4.08 16.32 -25.93
CA ALA B 80 5.07 17.26 -26.45
C ALA B 80 6.44 17.03 -25.82
N ALA B 81 6.45 16.63 -24.55
CA ALA B 81 7.69 16.48 -23.82
C ALA B 81 8.57 15.39 -24.42
N THR B 82 7.96 14.31 -24.88
N THR B 82 7.95 14.31 -24.87
CA THR B 82 8.75 13.20 -25.43
CA THR B 82 8.70 13.19 -25.43
C THR B 82 8.69 13.13 -26.96
C THR B 82 8.72 13.23 -26.96
N LEU B 83 7.66 13.73 -27.57
CA LEU B 83 7.61 13.87 -29.03
C LEU B 83 8.67 14.88 -29.51
N GLY B 84 8.87 15.92 -28.72
CA GLY B 84 9.87 16.95 -29.00
C GLY B 84 9.31 18.17 -29.70
N ARG B 85 8.01 18.13 -29.98
CA ARG B 85 7.29 19.25 -30.58
C ARG B 85 5.85 19.12 -30.16
N GLU B 86 5.06 20.16 -30.40
CA GLU B 86 3.64 20.10 -30.12
C GLU B 86 2.95 19.15 -31.08
N PRO B 87 2.12 18.25 -30.55
CA PRO B 87 1.38 17.37 -31.45
C PRO B 87 0.26 18.13 -32.16
N ASP B 88 -0.14 17.64 -33.33
CA ASP B 88 -1.28 18.16 -34.06
C ASP B 88 -2.53 17.57 -33.40
N LEU B 89 -2.97 18.26 -32.34
CA LEU B 89 -4.00 17.77 -31.44
C LEU B 89 -4.70 18.94 -30.78
N GLU B 90 -6.02 18.93 -30.85
CA GLU B 90 -6.81 19.97 -30.21
C GLU B 90 -7.18 19.56 -28.80
N ALA B 91 -7.43 20.59 -28.00
CA ALA B 91 -7.90 20.41 -26.64
C ALA B 91 -9.37 19.99 -26.64
N VAL B 92 -9.85 19.55 -25.49
CA VAL B 92 -11.24 19.19 -25.32
C VAL B 92 -11.85 20.04 -24.19
N ASP B 93 -13.08 20.51 -24.37
CA ASP B 93 -13.70 21.36 -23.38
C ASP B 93 -13.98 20.59 -22.09
N GLY B 94 -13.93 21.31 -20.96
CA GLY B 94 -14.12 20.69 -19.66
C GLY B 94 -15.45 19.96 -19.54
N GLU B 95 -15.41 18.79 -18.90
CA GLU B 95 -16.56 17.98 -18.57
C GLU B 95 -16.42 17.57 -17.13
N PHE B 96 -16.74 18.48 -16.21
CA PHE B 96 -16.45 18.27 -14.80
C PHE B 96 -17.65 17.66 -14.08
N VAL B 97 -18.82 17.88 -14.63
CA VAL B 97 -20.08 17.33 -14.11
C VAL B 97 -20.90 16.92 -15.32
N PHE B 98 -21.94 16.13 -15.10
CA PHE B 98 -22.90 15.84 -16.18
C PHE B 98 -24.30 16.01 -15.63
N ARG B 99 -25.22 16.28 -16.54
CA ARG B 99 -26.62 16.41 -16.23
C ARG B 99 -27.23 15.02 -16.31
N ARG B 100 -27.54 14.47 -15.14
CA ARG B 100 -28.02 13.10 -15.04
C ARG B 100 -29.53 13.05 -14.94
N ASP B 101 -30.14 12.21 -15.78
CA ASP B 101 -31.56 11.93 -15.68
C ASP B 101 -31.75 10.77 -14.70
N PRO B 102 -32.32 11.04 -13.51
CA PRO B 102 -32.42 9.97 -12.51
C PRO B 102 -33.33 8.82 -12.92
N LYS B 103 -34.08 8.96 -14.00
CA LYS B 103 -34.95 7.88 -14.48
C LYS B 103 -34.22 6.94 -15.42
N SER B 104 -33.06 7.37 -15.92
CA SER B 104 -32.32 6.61 -16.92
C SER B 104 -31.03 6.09 -16.31
N ILE B 105 -30.28 6.98 -15.66
CA ILE B 105 -29.07 6.58 -14.97
C ILE B 105 -29.39 6.50 -13.47
N VAL B 106 -29.65 5.28 -13.00
CA VAL B 106 -30.07 5.05 -11.63
C VAL B 106 -28.86 4.60 -10.83
N LEU B 107 -28.57 5.30 -9.74
CA LEU B 107 -27.47 4.95 -8.88
C LEU B 107 -27.86 3.88 -7.88
N THR B 108 -26.94 2.95 -7.66
CA THR B 108 -27.04 2.01 -6.58
C THR B 108 -26.53 2.73 -5.33
N VAL B 109 -27.40 2.91 -4.35
CA VAL B 109 -26.99 3.53 -3.09
C VAL B 109 -26.23 2.54 -2.25
N ILE B 110 -25.45 3.06 -1.31
CA ILE B 110 -24.64 2.24 -0.42
C ILE B 110 -25.38 1.89 0.86
N ASN B 111 -26.05 2.88 1.41
CA ASN B 111 -26.88 2.71 2.59
C ASN B 111 -28.33 2.92 2.19
N GLU B 112 -29.21 2.05 2.68
CA GLU B 112 -30.63 2.13 2.33
C GLU B 112 -31.40 3.09 3.22
N GLU B 113 -30.72 3.66 4.22
CA GLU B 113 -31.37 4.59 5.15
C GLU B 113 -31.87 5.85 4.43
N ASP B 114 -32.89 6.47 5.01
CA ASP B 114 -33.41 7.72 4.44
C ASP B 114 -32.28 8.75 4.31
N GLN B 115 -32.18 9.36 3.14
CA GLN B 115 -31.18 10.39 2.89
C GLN B 115 -31.54 11.70 3.59
N THR B 116 -30.53 12.42 4.07
CA THR B 116 -30.77 13.70 4.75
C THR B 116 -29.77 14.77 4.32
N LYS B 117 -28.94 14.49 3.33
CA LYS B 117 -27.91 15.44 2.95
C LYS B 117 -28.20 16.05 1.58
N SER B 118 -27.45 17.09 1.24
CA SER B 118 -27.60 17.73 -0.07
C SER B 118 -27.05 16.88 -1.21
N GLN B 119 -26.16 15.97 -0.88
CA GLN B 119 -25.55 15.10 -1.88
C GLN B 119 -25.48 13.70 -1.34
N TYR B 120 -25.33 12.73 -2.23
CA TYR B 120 -25.02 11.38 -1.79
C TYR B 120 -24.18 10.73 -2.87
N THR B 121 -23.61 9.59 -2.54
CA THR B 121 -22.81 8.84 -3.49
C THR B 121 -23.39 7.46 -3.72
N GLY B 122 -23.00 6.87 -4.83
CA GLY B 122 -23.43 5.54 -5.19
C GLY B 122 -22.64 5.09 -6.38
N PHE B 123 -23.13 4.05 -7.01
CA PHE B 123 -22.46 3.43 -8.15
C PHE B 123 -23.37 3.36 -9.35
N TYR B 124 -22.78 3.53 -10.52
CA TYR B 124 -23.46 3.30 -11.79
C TYR B 124 -22.49 2.60 -12.74
N ASN B 125 -22.84 1.42 -13.22
CA ASN B 125 -21.99 0.68 -14.14
C ASN B 125 -20.57 0.52 -13.61
N GLY B 126 -20.46 0.38 -12.31
CA GLY B 126 -19.15 0.17 -11.70
C GLY B 126 -18.37 1.44 -11.47
N PHE B 127 -18.91 2.58 -11.90
CA PHE B 127 -18.27 3.87 -11.65
C PHE B 127 -18.81 4.50 -10.39
N PRO B 128 -17.94 5.14 -9.61
CA PRO B 128 -18.41 5.90 -8.44
C PRO B 128 -19.05 7.18 -8.94
N ILE B 129 -20.14 7.58 -8.30
CA ILE B 129 -20.90 8.75 -8.69
C ILE B 129 -21.29 9.51 -7.43
N GLU B 130 -21.17 10.83 -7.49
CA GLU B 130 -21.73 11.70 -6.48
C GLU B 130 -22.75 12.57 -7.16
N THR B 131 -23.80 12.93 -6.44
CA THR B 131 -24.91 13.60 -7.08
C THR B 131 -25.63 14.53 -6.13
N ARG B 132 -26.15 15.60 -6.71
CA ARG B 132 -27.18 16.38 -6.07
C ARG B 132 -28.44 15.52 -6.01
N GLN B 133 -29.39 15.90 -5.17
CA GLN B 133 -30.52 15.03 -4.90
C GLN B 133 -31.47 14.86 -6.09
N ASP B 134 -31.92 13.63 -6.29
CA ASP B 134 -32.76 13.31 -7.43
C ASP B 134 -34.05 14.07 -7.43
N GLU B 135 -34.52 14.43 -6.25
CA GLU B 135 -35.77 15.15 -6.13
C GLU B 135 -35.72 16.48 -6.89
N LEU B 136 -34.54 17.03 -7.12
CA LEU B 136 -34.44 18.29 -7.85
C LEU B 136 -34.89 18.14 -9.30
N ALA B 137 -34.84 16.92 -9.84
CA ALA B 137 -35.21 16.71 -11.24
C ALA B 137 -36.68 16.93 -11.52
N ASN B 138 -37.51 16.95 -10.49
CA ASN B 138 -38.91 17.26 -10.70
C ASN B 138 -39.11 18.63 -11.33
N TYR B 139 -38.25 19.58 -10.98
CA TYR B 139 -38.51 20.97 -11.35
C TYR B 139 -37.36 21.67 -12.04
N SER B 140 -36.24 20.98 -12.24
CA SER B 140 -35.11 21.59 -12.92
C SER B 140 -35.45 21.80 -14.39
N GLU B 141 -34.78 22.75 -15.04
CA GLU B 141 -35.19 23.11 -16.40
C GLU B 141 -35.07 21.94 -17.36
N ASP B 142 -34.11 21.07 -17.14
CA ASP B 142 -33.88 19.92 -18.03
C ASP B 142 -34.33 18.59 -17.43
N LYS B 143 -35.03 18.65 -16.30
CA LYS B 143 -35.46 17.44 -15.59
C LYS B 143 -34.28 16.53 -15.27
N ARG B 144 -33.13 17.16 -15.04
CA ARG B 144 -31.94 16.40 -14.66
C ARG B 144 -31.36 17.00 -13.38
N VAL B 145 -30.32 16.36 -12.86
CA VAL B 145 -29.61 16.85 -11.69
C VAL B 145 -28.13 16.76 -11.99
N GLU B 146 -27.35 17.55 -11.27
CA GLU B 146 -25.90 17.56 -11.45
C GLU B 146 -25.28 16.35 -10.76
N SER B 147 -24.42 15.65 -11.49
CA SER B 147 -23.69 14.50 -10.95
C SER B 147 -22.28 14.53 -11.45
N TRP B 148 -21.40 13.79 -10.80
CA TRP B 148 -20.01 13.71 -11.23
C TRP B 148 -19.42 12.40 -10.76
N MET B 149 -18.29 12.03 -11.36
CA MET B 149 -17.55 10.85 -10.95
C MET B 149 -16.44 11.36 -10.04
N PRO B 150 -16.57 11.15 -8.73
CA PRO B 150 -15.58 11.72 -7.80
C PRO B 150 -14.22 11.05 -7.98
N HIS B 151 -13.17 11.75 -7.57
CA HIS B 151 -11.82 11.28 -7.77
C HIS B 151 -11.41 10.30 -6.67
N CYS B 152 -12.09 9.15 -6.64
CA CYS B 152 -11.69 8.01 -5.83
C CYS B 152 -10.41 7.41 -6.38
N ALA B 153 -9.69 6.67 -5.54
CA ALA B 153 -8.62 5.83 -6.04
C ALA B 153 -9.17 4.97 -7.16
N GLY B 154 -8.45 4.89 -8.26
CA GLY B 154 -8.87 4.08 -9.38
C GLY B 154 -9.44 4.90 -10.51
N VAL B 155 -9.98 6.07 -10.22
CA VAL B 155 -10.49 6.92 -11.27
C VAL B 155 -9.34 7.50 -12.10
N VAL B 156 -9.64 7.78 -13.36
CA VAL B 156 -8.70 8.38 -14.28
C VAL B 156 -9.31 9.70 -14.76
N SER B 157 -8.49 10.75 -14.79
CA SER B 157 -9.00 12.08 -15.03
C SER B 157 -8.04 12.86 -15.91
N MET B 158 -8.46 14.05 -16.34
CA MET B 158 -7.71 14.86 -17.28
C MET B 158 -7.01 16.02 -16.61
N ALA B 159 -5.71 16.14 -16.82
CA ALA B 159 -4.97 17.30 -16.34
C ALA B 159 -5.36 18.54 -17.14
N ARG B 160 -5.25 19.71 -16.54
CA ARG B 160 -5.53 20.95 -17.24
C ARG B 160 -4.87 22.11 -16.53
N THR B 161 -4.79 23.24 -17.24
CA THR B 161 -4.41 24.51 -16.61
C THR B 161 -5.65 25.16 -16.04
N ASN B 162 -5.52 26.40 -15.60
CA ASN B 162 -6.67 27.11 -15.05
C ASN B 162 -7.77 27.30 -16.10
N ASP B 163 -7.41 27.23 -17.37
CA ASP B 163 -8.39 27.28 -18.44
C ASP B 163 -9.19 25.98 -18.42
N PRO B 164 -10.51 26.06 -18.18
CA PRO B 164 -11.23 24.78 -18.05
C PRO B 164 -11.29 23.97 -19.34
N ASN B 165 -10.92 24.59 -20.44
CA ASN B 165 -10.98 23.93 -21.75
C ASN B 165 -9.59 23.55 -22.28
N SER B 166 -8.61 23.45 -21.39
CA SER B 166 -7.24 23.19 -21.78
C SER B 166 -6.85 21.73 -21.70
N GLY B 167 -7.78 20.86 -21.30
CA GLY B 167 -7.50 19.44 -21.27
C GLY B 167 -7.16 18.98 -22.68
N LYS B 168 -6.19 18.09 -22.82
CA LYS B 168 -5.78 17.66 -24.14
C LYS B 168 -5.24 16.24 -24.16
N ASP B 169 -4.07 16.05 -23.57
CA ASP B 169 -3.42 14.73 -23.56
C ASP B 169 -3.06 14.23 -22.17
N GLN B 170 -2.57 15.11 -21.31
CA GLN B 170 -2.12 14.68 -20.00
C GLN B 170 -3.30 14.23 -19.15
N PHE B 171 -3.08 13.14 -18.42
CA PHE B 171 -4.11 12.51 -17.62
C PHE B 171 -3.53 12.23 -16.25
N PHE B 172 -4.45 11.98 -15.30
N PHE B 172 -4.36 11.90 -15.30
CA PHE B 172 -4.14 11.58 -13.92
CA PHE B 172 -3.78 11.36 -14.12
C PHE B 172 -4.63 10.15 -13.67
C PHE B 172 -4.58 10.22 -13.57
N LEU B 173 -3.80 9.32 -13.03
CA LEU B 173 -4.24 8.05 -12.50
C LEU B 173 -4.41 8.27 -11.00
N MET B 174 -5.63 8.20 -10.50
CA MET B 174 -5.83 8.47 -9.09
C MET B 174 -5.36 7.32 -8.21
N ARG B 175 -4.40 7.63 -7.34
CA ARG B 175 -3.85 6.66 -6.40
C ARG B 175 -4.58 6.64 -5.08
N ASP B 176 -5.25 7.74 -4.74
CA ASP B 176 -5.94 7.88 -3.47
C ASP B 176 -7.08 8.89 -3.63
N GLU B 177 -8.08 8.75 -2.78
CA GLU B 177 -9.23 9.63 -2.78
C GLU B 177 -8.78 11.07 -2.73
N SER B 178 -9.26 11.87 -3.68
CA SER B 178 -8.84 13.26 -3.79
C SER B 178 -10.04 14.16 -4.11
N ARG B 179 -10.89 14.38 -3.12
CA ARG B 179 -12.19 14.97 -3.39
C ARG B 179 -12.08 16.46 -3.70
N PHE B 180 -10.92 17.06 -3.40
CA PHE B 180 -10.67 18.45 -3.75
C PHE B 180 -10.59 18.67 -5.26
N LEU B 181 -10.49 17.59 -6.03
CA LEU B 181 -10.55 17.69 -7.49
C LEU B 181 -11.95 17.65 -8.03
N ASP B 182 -12.89 17.19 -7.22
CA ASP B 182 -14.24 16.93 -7.71
C ASP B 182 -14.90 18.20 -8.21
N ARG B 183 -15.55 18.09 -9.35
CA ARG B 183 -16.26 19.18 -10.03
C ARG B 183 -15.30 20.21 -10.61
N LYS B 184 -14.00 19.90 -10.61
CA LYS B 184 -12.99 20.81 -11.15
C LYS B 184 -12.12 20.17 -12.24
N TYR B 185 -12.16 18.85 -12.36
CA TYR B 185 -11.36 18.14 -13.36
C TYR B 185 -12.25 17.10 -14.03
N SER B 186 -11.96 16.82 -15.30
CA SER B 186 -12.79 15.93 -16.09
C SER B 186 -12.38 14.47 -15.89
N SER B 187 -13.03 13.78 -14.96
CA SER B 187 -12.83 12.34 -14.81
C SER B 187 -13.53 11.61 -15.95
N TRP B 188 -12.91 10.57 -16.47
CA TRP B 188 -13.39 9.95 -17.71
C TRP B 188 -13.25 8.45 -17.77
N GLY B 189 -12.65 7.84 -16.78
CA GLY B 189 -12.47 6.41 -16.79
C GLY B 189 -12.10 5.86 -15.44
N ARG B 190 -11.91 4.56 -15.40
CA ARG B 190 -11.60 3.88 -14.17
C ARG B 190 -10.70 2.70 -14.44
N MET B 191 -9.75 2.48 -13.55
CA MET B 191 -8.83 1.35 -13.66
C MET B 191 -9.48 0.07 -13.17
N LEU B 192 -9.92 -0.76 -14.10
CA LEU B 192 -10.48 -2.06 -13.78
C LEU B 192 -9.48 -2.94 -13.09
N GLU B 193 -8.25 -2.88 -13.60
CA GLU B 193 -7.13 -3.59 -13.04
C GLU B 193 -5.98 -2.66 -13.16
N GLY B 194 -5.09 -2.68 -12.18
CA GLY B 194 -3.89 -1.89 -12.27
C GLY B 194 -3.82 -0.72 -11.31
N LEU B 195 -4.80 -0.56 -10.42
CA LEU B 195 -4.65 0.46 -9.38
C LEU B 195 -3.35 0.23 -8.62
N ASP B 196 -3.01 -1.03 -8.32
CA ASP B 196 -1.77 -1.31 -7.60
C ASP B 196 -0.55 -0.90 -8.43
N VAL B 197 -0.61 -1.06 -9.75
CA VAL B 197 0.43 -0.60 -10.66
C VAL B 197 0.54 0.93 -10.57
N ALA B 198 -0.59 1.62 -10.65
CA ALA B 198 -0.57 3.09 -10.56
C ALA B 198 0.06 3.55 -9.26
N LYS B 199 -0.26 2.85 -8.16
CA LYS B 199 0.27 3.19 -6.84
C LYS B 199 1.77 2.89 -6.72
N SER B 200 2.32 2.15 -7.67
CA SER B 200 3.73 1.79 -7.62
C SER B 200 4.60 2.66 -8.53
N LEU B 201 3.98 3.49 -9.37
CA LEU B 201 4.76 4.35 -10.26
C LEU B 201 5.67 5.25 -9.43
N THR B 202 6.86 5.48 -9.94
CA THR B 202 7.89 6.17 -9.19
C THR B 202 7.50 7.61 -8.88
N ILE B 203 7.63 7.96 -7.61
CA ILE B 203 7.25 9.26 -7.10
C ILE B 203 8.29 10.30 -7.48
N GLY B 204 7.81 11.50 -7.79
CA GLY B 204 8.70 12.62 -8.03
C GLY B 204 8.05 13.69 -8.90
N GLU B 205 8.62 14.89 -8.84
CA GLU B 205 8.06 16.04 -9.52
C GLU B 205 9.16 16.87 -10.18
N PRO B 206 9.86 16.29 -11.15
CA PRO B 206 9.70 14.93 -11.68
C PRO B 206 10.60 13.93 -11.00
N PRO B 207 10.31 12.64 -11.16
CA PRO B 207 11.28 11.63 -10.75
C PRO B 207 12.59 11.80 -11.50
N GLU B 208 13.69 11.36 -10.93
CA GLU B 208 14.95 11.31 -11.65
C GLU B 208 14.84 10.40 -12.87
N ARG B 209 14.22 9.24 -12.65
CA ARG B 209 14.08 8.25 -13.68
C ARG B 209 12.63 7.77 -13.67
N PRO B 210 11.78 8.53 -14.37
CA PRO B 210 10.35 8.26 -14.28
C PRO B 210 9.93 6.96 -14.93
N ASP B 211 8.84 6.40 -14.43
CA ASP B 211 8.18 5.34 -15.14
C ASP B 211 7.59 5.85 -16.43
N ILE B 212 7.26 4.91 -17.31
CA ILE B 212 6.89 5.22 -18.69
C ILE B 212 5.60 4.54 -19.05
N LEU B 213 4.76 5.23 -19.80
CA LEU B 213 3.65 4.62 -20.50
C LEU B 213 4.22 4.06 -21.79
N VAL B 214 4.48 2.76 -21.81
CA VAL B 214 5.17 2.15 -22.94
C VAL B 214 4.28 2.10 -24.18
N SER B 215 3.00 1.75 -23.98
CA SER B 215 2.07 1.69 -25.10
C SER B 215 0.66 1.85 -24.57
N ALA B 216 -0.22 2.28 -25.46
CA ALA B 216 -1.65 2.39 -25.21
C ALA B 216 -2.37 1.76 -26.38
N VAL B 217 -3.38 0.94 -26.09
CA VAL B 217 -4.15 0.25 -27.12
C VAL B 217 -5.62 0.22 -26.76
N MET B 218 -6.47 0.59 -27.71
CA MET B 218 -7.89 0.35 -27.64
C MET B 218 -8.19 -1.10 -27.97
N VAL B 219 -8.89 -1.79 -27.09
CA VAL B 219 -9.11 -3.23 -27.30
C VAL B 219 -9.92 -3.47 -28.57
N SER B 220 -10.80 -2.54 -28.91
CA SER B 220 -11.59 -2.64 -30.15
C SER B 220 -10.75 -2.66 -31.43
N ASP B 221 -9.52 -2.17 -31.34
CA ASP B 221 -8.64 -2.11 -32.49
C ASP B 221 -7.86 -3.40 -32.68
N LEU B 222 -7.95 -4.30 -31.71
CA LEU B 222 -7.32 -5.62 -31.81
C LEU B 222 -8.22 -6.58 -32.57
N ALA B 223 -7.62 -7.59 -33.19
CA ALA B 223 -8.41 -8.65 -33.80
C ALA B 223 -9.23 -9.34 -32.71
N PRO B 224 -10.45 -9.80 -33.06
CA PRO B 224 -11.36 -10.41 -32.08
C PRO B 224 -10.71 -11.46 -31.19
N LYS B 225 -9.90 -12.35 -31.76
CA LYS B 225 -9.30 -13.45 -31.00
C LYS B 225 -8.22 -12.98 -30.03
N ASP B 226 -7.71 -11.78 -30.26
CA ASP B 226 -6.63 -11.23 -29.44
C ASP B 226 -7.13 -10.35 -28.31
N ARG B 227 -8.42 -10.04 -28.30
CA ARG B 227 -8.94 -9.06 -27.35
C ARG B 227 -9.01 -9.61 -25.95
N PRO B 228 -8.46 -8.88 -24.96
CA PRO B 228 -8.80 -9.20 -23.58
C PRO B 228 -10.29 -9.01 -23.38
N GLU B 229 -10.86 -9.76 -22.44
CA GLU B 229 -12.29 -9.66 -22.15
C GLU B 229 -12.45 -9.23 -20.71
N ALA B 230 -13.18 -8.15 -20.50
CA ALA B 230 -13.35 -7.62 -19.16
C ALA B 230 -14.80 -7.66 -18.76
N TRP B 231 -15.01 -7.89 -17.47
CA TRP B 231 -16.33 -7.84 -16.87
C TRP B 231 -16.25 -7.03 -15.58
N VAL B 232 -17.36 -6.34 -15.30
CA VAL B 232 -17.51 -5.52 -14.12
C VAL B 232 -18.77 -5.98 -13.42
N MET B 233 -18.68 -6.13 -12.11
CA MET B 233 -19.83 -6.57 -11.34
C MET B 233 -20.98 -5.58 -11.49
N ARG B 234 -22.18 -6.12 -11.61
CA ARG B 234 -23.37 -5.28 -11.72
C ARG B 234 -23.76 -4.75 -10.34
N ASN B 235 -23.77 -3.43 -10.21
CA ASN B 235 -24.04 -2.83 -8.92
C ASN B 235 -25.46 -3.12 -8.44
N ASP B 236 -26.37 -3.41 -9.36
CA ASP B 236 -27.77 -3.67 -9.02
C ASP B 236 -28.08 -5.15 -8.80
N GLY B 237 -27.02 -5.96 -8.72
CA GLY B 237 -27.16 -7.39 -8.52
C GLY B 237 -26.88 -7.83 -7.09
N PRO B 238 -27.16 -9.09 -6.78
CA PRO B 238 -27.03 -9.56 -5.39
C PRO B 238 -25.60 -9.76 -4.93
N MET B 239 -24.67 -10.11 -5.81
CA MET B 239 -23.28 -10.21 -5.38
C MET B 239 -22.78 -8.85 -4.92
N PHE B 240 -23.21 -7.79 -5.58
CA PHE B 240 -22.78 -6.46 -5.16
C PHE B 240 -23.43 -6.09 -3.82
N SER B 241 -24.67 -6.52 -3.59
CA SER B 241 -25.30 -6.32 -2.28
C SER B 241 -24.44 -6.97 -1.18
N LEU B 242 -23.96 -8.18 -1.41
CA LEU B 242 -23.11 -8.87 -0.45
C LEU B 242 -21.76 -8.19 -0.26
N PHE B 243 -21.21 -7.67 -1.36
CA PHE B 243 -19.97 -6.89 -1.34
C PHE B 243 -20.12 -5.68 -0.43
N LEU B 244 -21.20 -4.95 -0.62
CA LEU B 244 -21.44 -3.78 0.23
C LEU B 244 -21.63 -4.17 1.70
N ASP B 245 -22.36 -5.27 1.95
CA ASP B 245 -22.54 -5.78 3.32
C ASP B 245 -21.19 -5.99 3.98
N ARG B 246 -20.31 -6.65 3.25
CA ARG B 246 -18.99 -7.02 3.74
C ARG B 246 -18.10 -5.83 3.96
N MET B 247 -18.12 -4.89 3.04
CA MET B 247 -17.18 -3.79 3.08
C MET B 247 -17.60 -2.70 4.06
N GLY B 248 -18.90 -2.55 4.26
CA GLY B 248 -19.40 -1.60 5.24
C GLY B 248 -20.27 -0.54 4.62
N ARG B 249 -21.55 -0.55 4.94
CA ARG B 249 -22.48 0.33 4.25
C ARG B 249 -22.55 1.71 4.88
N ASP B 250 -21.71 1.97 5.87
CA ASP B 250 -21.60 3.33 6.40
C ASP B 250 -20.55 4.12 5.62
N LYS B 251 -19.84 3.45 4.73
CA LYS B 251 -18.78 4.07 3.96
C LYS B 251 -19.30 4.83 2.75
N ASP B 252 -18.64 5.92 2.44
CA ASP B 252 -18.85 6.68 1.22
C ASP B 252 -18.22 5.91 0.04
N VAL B 253 -18.62 6.25 -1.18
CA VAL B 253 -18.18 5.52 -2.36
C VAL B 253 -16.65 5.46 -2.43
N CYS B 254 -15.96 6.53 -2.05
CA CYS B 254 -14.51 6.54 -2.15
C CYS B 254 -13.82 5.83 -1.00
N SER B 255 -14.58 5.45 0.03
CA SER B 255 -14.00 4.71 1.16
C SER B 255 -14.21 3.22 0.97
N LEU B 256 -15.01 2.86 -0.02
CA LEU B 256 -15.17 1.48 -0.42
C LEU B 256 -14.08 1.09 -1.42
N PRO B 257 -13.85 -0.21 -1.57
CA PRO B 257 -13.05 -0.65 -2.71
C PRO B 257 -13.77 -0.36 -3.99
N GLN B 258 -13.11 -0.52 -5.11
CA GLN B 258 -13.77 -0.41 -6.40
C GLN B 258 -14.73 -1.55 -6.63
N THR B 259 -15.70 -1.34 -7.50
CA THR B 259 -16.59 -2.40 -7.93
C THR B 259 -15.74 -3.54 -8.46
N PRO B 260 -15.98 -4.77 -7.98
CA PRO B 260 -15.21 -5.92 -8.48
C PRO B 260 -15.22 -5.99 -10.00
N SER B 261 -14.03 -6.16 -10.55
CA SER B 261 -13.82 -6.17 -12.00
C SER B 261 -12.75 -7.19 -12.30
N VAL B 262 -12.85 -7.80 -13.46
CA VAL B 262 -11.87 -8.80 -13.87
C VAL B 262 -11.59 -8.67 -15.33
N VAL B 263 -10.33 -8.90 -15.69
CA VAL B 263 -9.90 -8.87 -17.09
C VAL B 263 -9.22 -10.20 -17.41
N PHE B 264 -9.67 -10.85 -18.47
CA PHE B 264 -9.14 -12.13 -18.91
C PHE B 264 -8.46 -11.95 -20.25
N VAL B 265 -7.20 -12.34 -20.35
CA VAL B 265 -6.51 -12.23 -21.62
C VAL B 265 -6.65 -13.55 -22.38
N SER B 266 -6.40 -13.49 -23.67
CA SER B 266 -6.53 -14.65 -24.54
C SER B 266 -5.48 -15.70 -24.25
N GLU B 267 -5.83 -16.96 -24.51
CA GLU B 267 -4.88 -18.05 -24.49
C GLU B 267 -3.95 -17.95 -25.68
N ASP B 268 -2.87 -18.73 -25.59
CA ASP B 268 -1.80 -18.94 -26.60
C ASP B 268 -0.57 -18.15 -26.19
#